data_3UEQ
#
_entry.id   3UEQ
#
_cell.length_a   96.030
_cell.length_b   116.270
_cell.length_c   60.500
_cell.angle_alpha   90.00
_cell.angle_beta   90.00
_cell.angle_gamma   90.00
#
_symmetry.space_group_name_H-M   'P 21 21 2'
#
loop_
_entity.id
_entity.type
_entity.pdbx_description
1 polymer Amylosucrase
2 branched alpha-D-glucopyranose-(1-3)-beta-D-fructofuranose
3 non-polymer 3-O-alpha-D-glucopyranosyl-D-fructose
4 non-polymer DI(HYDROXYETHYL)ETHER
5 water water
#
_entity_poly.entity_id   1
_entity_poly.type   'polypeptide(L)'
_entity_poly.pdbx_seq_one_letter_code
;GPLGSPNSQYLKTRILDIYTPEQRAGIEKSEDWRQFSRRMDTHFPKLMNELDSVYGNNEALLPMLEMLLAQAWQSYSQRN
SSLKDIDIARENNPDWILSNKQVGGVCYVDLFAGDLKGLKDKIPYFQELGLTYLHLMPLFKCPEGKSDGGYAVSSYRDVN
PALGTIGDLREVIAALHEAGISAVVDFIFNHTSNEHEWAQRCAAGDPLFDNFYYIFPDRRMPDQYDRTLREIFPDQHPGG
FSQLEDGRWVWTTFNSFQWDLNYSNPWVFRAMAGEMLFLANLGVDILRMDAVAFIWKQMGTSCENLPQAHALIRAFNAVM
RIAAPAVFFKSEAIVHPDQVVQYIGQDECQIGYNPLQMALLWNTLATREVNLLHQALTYRHNLPEHTAWVNYVRSHDDIG
WTFADEDAAYLGISGYDHRQFLNRFFVNRFDGSFARGVPFQYNPSTGDCRVSGTAAALVGLAQDDPHAVDRIKLLYSIAL
STGGLPLIYLGDEVGTLNDDDWSQDSNKSDDSRWAHRPRYNEALYAQRNDPSTAAGQIYQDLRHMIAVRQSNPRFDGGRL
VTFNTNNKHIIGYIRNNALLAFGNFSEYPQTVTAHTLQAMPFKAHDLIGGKTVSLNQDLTLQPYQVMWLEIA
;
_entity_poly.pdbx_strand_id   A
#
# COMPACT_ATOMS: atom_id res chain seq x y z
N GLY A 1 5.56 25.68 -25.35
CA GLY A 1 4.82 26.70 -26.11
C GLY A 1 5.71 27.75 -26.76
N PRO A 2 5.10 28.75 -27.42
CA PRO A 2 5.85 29.72 -28.25
C PRO A 2 6.58 30.75 -27.40
N LEU A 3 7.43 31.57 -28.02
CA LEU A 3 8.10 32.68 -27.32
C LEU A 3 7.05 33.47 -26.49
N GLY A 4 7.30 33.62 -25.19
CA GLY A 4 6.34 34.26 -24.28
C GLY A 4 5.64 33.37 -23.24
N SER A 5 5.58 32.06 -23.49
CA SER A 5 4.81 31.12 -22.66
C SER A 5 5.62 30.60 -21.44
N PRO A 6 4.99 29.84 -20.49
CA PRO A 6 5.69 29.52 -19.23
C PRO A 6 6.68 28.38 -19.40
N ASN A 7 7.76 28.39 -18.65
CA ASN A 7 8.74 27.36 -18.71
C ASN A 7 9.46 27.53 -17.39
N SER A 8 10.32 26.56 -17.06
CA SER A 8 11.06 26.53 -15.80
C SER A 8 11.83 27.83 -15.54
N GLN A 9 12.41 28.42 -16.59
CA GLN A 9 13.27 29.58 -16.40
C GLN A 9 12.42 30.82 -16.05
N TYR A 10 11.37 31.01 -16.84
CA TYR A 10 10.37 32.03 -16.55
C TYR A 10 9.88 31.92 -15.11
N LEU A 11 9.49 30.72 -14.72
CA LEU A 11 8.87 30.52 -13.43
C LEU A 11 9.84 30.76 -12.30
N LYS A 12 11.07 30.35 -12.50
CA LYS A 12 12.12 30.57 -11.48
C LYS A 12 12.43 32.06 -11.26
N THR A 13 12.46 32.86 -12.34
CA THR A 13 12.73 34.32 -12.20
C THR A 13 11.64 34.98 -11.37
N ARG A 14 10.38 34.56 -11.57
CA ARG A 14 9.26 35.03 -10.79
C ARG A 14 9.22 34.54 -9.35
N ILE A 15 9.68 33.32 -9.12
CA ILE A 15 9.88 32.86 -7.72
C ILE A 15 10.83 33.81 -6.95
N LEU A 16 11.92 34.16 -7.62
CA LEU A 16 12.96 34.99 -6.95
C LEU A 16 12.54 36.45 -6.73
N ASP A 17 11.41 36.85 -7.31
CA ASP A 17 10.95 38.25 -7.17
C ASP A 17 10.52 38.63 -5.78
N ILE A 18 10.35 37.67 -4.88
CA ILE A 18 9.91 38.03 -3.55
C ILE A 18 11.08 38.61 -2.77
N TYR A 19 12.29 38.52 -3.33
CA TYR A 19 13.51 38.91 -2.60
C TYR A 19 13.92 40.32 -3.00
N THR A 20 14.52 41.05 -2.05
CA THR A 20 15.18 42.34 -2.36
C THR A 20 16.31 41.99 -3.31
N PRO A 21 16.76 42.96 -4.16
CA PRO A 21 17.88 42.64 -5.08
C PRO A 21 19.10 42.13 -4.32
N GLU A 22 19.35 42.68 -3.13
CA GLU A 22 20.50 42.25 -2.32
C GLU A 22 20.33 40.75 -1.95
N GLN A 23 19.18 40.39 -1.38
CA GLN A 23 18.82 39.02 -0.98
C GLN A 23 18.87 38.05 -2.17
N ARG A 24 18.36 38.51 -3.32
CA ARG A 24 18.26 37.66 -4.52
C ARG A 24 19.60 37.14 -4.93
N ALA A 25 20.57 38.06 -4.98
CA ALA A 25 21.93 37.71 -5.39
C ALA A 25 22.48 36.54 -4.57
N GLY A 26 22.24 36.58 -3.26
CA GLY A 26 22.63 35.52 -2.34
C GLY A 26 21.86 34.20 -2.55
N ILE A 27 20.55 34.30 -2.72
CA ILE A 27 19.74 33.11 -3.02
C ILE A 27 20.28 32.43 -4.25
N GLU A 28 20.49 33.17 -5.33
CA GLU A 28 20.96 32.55 -6.60
C GLU A 28 22.28 31.85 -6.51
N LYS A 29 23.18 32.36 -5.67
CA LYS A 29 24.45 31.74 -5.48
C LYS A 29 24.35 30.51 -4.54
N SER A 30 23.26 30.36 -3.79
CA SER A 30 23.21 29.27 -2.75
C SER A 30 23.13 27.84 -3.31
N GLU A 31 23.60 26.88 -2.50
CA GLU A 31 23.48 25.47 -2.79
C GLU A 31 22.00 25.01 -2.92
N ASP A 32 21.12 25.47 -2.01
CA ASP A 32 19.73 25.04 -2.08
C ASP A 32 19.12 25.46 -3.39
N TRP A 33 19.41 26.69 -3.81
CA TRP A 33 18.85 27.19 -5.04
C TRP A 33 19.37 26.48 -6.27
N ARG A 34 20.67 26.13 -6.29
CA ARG A 34 21.24 25.46 -7.44
C ARG A 34 20.55 24.11 -7.61
N GLN A 35 20.30 23.45 -6.48
CA GLN A 35 19.69 22.11 -6.53
C GLN A 35 18.27 22.24 -7.00
N PHE A 36 17.51 23.18 -6.38
CA PHE A 36 16.14 23.44 -6.78
C PHE A 36 16.02 23.80 -8.26
N SER A 37 16.95 24.65 -8.72
CA SER A 37 16.94 25.13 -10.09
C SER A 37 17.17 24.00 -11.09
N ARG A 38 18.13 23.13 -10.82
CA ARG A 38 18.41 22.03 -11.73
C ARG A 38 17.25 21.01 -11.73
N ARG A 39 16.66 20.74 -10.56
CA ARG A 39 15.47 19.83 -10.55
C ARG A 39 14.28 20.43 -11.24
N MET A 40 14.07 21.75 -11.09
CA MET A 40 13.03 22.45 -11.91
C MET A 40 13.26 22.21 -13.38
N ASP A 41 14.49 22.41 -13.85
CA ASP A 41 14.72 22.24 -15.26
C ASP A 41 14.43 20.82 -15.72
N THR A 42 14.87 19.85 -14.92
CA THR A 42 14.73 18.43 -15.24
C THR A 42 13.24 17.96 -15.23
N HIS A 43 12.50 18.37 -14.20
CA HIS A 43 11.23 17.75 -13.92
C HIS A 43 10.03 18.66 -14.14
N PHE A 44 10.26 19.95 -14.25
CA PHE A 44 9.14 20.85 -14.48
C PHE A 44 8.40 20.53 -15.79
N PRO A 45 9.11 20.17 -16.90
CA PRO A 45 8.33 19.91 -18.12
C PRO A 45 7.29 18.79 -17.92
N LYS A 46 7.60 17.76 -17.11
CA LYS A 46 6.61 16.73 -16.80
C LYS A 46 5.44 17.30 -16.02
N LEU A 47 5.73 18.05 -14.96
CA LEU A 47 4.67 18.66 -14.13
C LEU A 47 3.71 19.47 -15.05
N MET A 48 4.27 20.32 -15.93
CA MET A 48 3.46 21.19 -16.82
C MET A 48 2.65 20.30 -17.80
N ASN A 49 3.31 19.30 -18.42
CA ASN A 49 2.60 18.44 -19.35
C ASN A 49 1.42 17.71 -18.69
N GLU A 50 1.66 17.16 -17.49
CA GLU A 50 0.62 16.39 -16.81
C GLU A 50 -0.55 17.33 -16.46
N LEU A 51 -0.24 18.49 -15.91
CA LEU A 51 -1.31 19.45 -15.54
C LEU A 51 -2.08 20.01 -16.70
N ASP A 52 -1.37 20.32 -17.80
CA ASP A 52 -2.02 20.70 -19.02
C ASP A 52 -2.96 19.57 -19.51
N SER A 53 -2.52 18.33 -19.41
CA SER A 53 -3.39 17.24 -19.92
C SER A 53 -4.73 17.17 -19.12
N VAL A 54 -4.70 17.57 -17.86
CA VAL A 54 -5.88 17.54 -17.00
C VAL A 54 -6.71 18.82 -17.13
N TYR A 55 -6.07 19.97 -16.98
CA TYR A 55 -6.80 21.22 -16.77
C TYR A 55 -6.92 22.01 -18.09
N GLY A 56 -6.10 21.66 -19.09
CA GLY A 56 -6.16 22.35 -20.41
C GLY A 56 -5.96 23.87 -20.25
N ASN A 57 -6.81 24.68 -20.88
CA ASN A 57 -6.57 26.15 -20.83
C ASN A 57 -7.33 26.84 -19.69
N ASN A 58 -7.53 26.14 -18.58
CA ASN A 58 -8.20 26.65 -17.39
C ASN A 58 -7.50 27.94 -16.95
N GLU A 59 -8.28 29.02 -16.77
CA GLU A 59 -7.70 30.29 -16.33
C GLU A 59 -6.85 30.12 -15.08
N ALA A 60 -7.22 29.20 -14.18
CA ALA A 60 -6.54 29.13 -12.86
C ALA A 60 -5.21 28.37 -12.93
N LEU A 61 -4.94 27.70 -14.05
CA LEU A 61 -3.79 26.82 -14.10
C LEU A 61 -2.45 27.57 -13.88
N LEU A 62 -2.16 28.59 -14.68
CA LEU A 62 -0.91 29.32 -14.50
C LEU A 62 -0.76 29.99 -13.09
N PRO A 63 -1.78 30.73 -12.62
CA PRO A 63 -1.72 31.32 -11.24
C PRO A 63 -1.51 30.22 -10.17
N MET A 64 -2.18 29.08 -10.34
CA MET A 64 -2.09 28.02 -9.31
C MET A 64 -0.66 27.45 -9.32
N LEU A 65 -0.12 27.25 -10.51
CA LEU A 65 1.19 26.67 -10.65
C LEU A 65 2.30 27.58 -10.10
N GLU A 66 2.20 28.88 -10.38
CA GLU A 66 3.14 29.83 -9.77
C GLU A 66 3.02 29.84 -8.26
N MET A 67 1.80 29.76 -7.74
CA MET A 67 1.63 29.68 -6.29
C MET A 67 2.31 28.43 -5.76
N LEU A 68 2.02 27.30 -6.38
CA LEU A 68 2.57 26.05 -5.92
C LEU A 68 4.11 25.99 -6.02
N LEU A 69 4.67 26.50 -7.10
CA LEU A 69 6.14 26.48 -7.22
C LEU A 69 6.84 27.43 -6.22
N ALA A 70 6.18 28.54 -5.87
CA ALA A 70 6.71 29.42 -4.81
C ALA A 70 6.72 28.66 -3.50
N GLN A 71 5.65 27.91 -3.27
CA GLN A 71 5.55 27.08 -2.06
C GLN A 71 6.60 25.96 -2.08
N ALA A 72 6.81 25.34 -3.24
CA ALA A 72 7.79 24.26 -3.39
C ALA A 72 9.18 24.78 -3.07
N TRP A 73 9.55 25.99 -3.54
CA TRP A 73 10.84 26.58 -3.14
C TRP A 73 10.92 26.84 -1.62
N GLN A 74 9.87 27.42 -1.01
CA GLN A 74 9.98 27.72 0.41
C GLN A 74 10.13 26.39 1.15
N SER A 75 9.42 25.37 0.68
CA SER A 75 9.47 24.10 1.33
C SER A 75 10.86 23.47 1.20
N TYR A 76 11.43 23.53 -0.01
CA TYR A 76 12.73 22.92 -0.18
C TYR A 76 13.79 23.72 0.66
N SER A 77 13.66 25.06 0.67
CA SER A 77 14.60 25.90 1.44
C SER A 77 14.59 25.52 2.95
N GLN A 78 13.40 25.28 3.50
CA GLN A 78 13.23 24.93 4.92
C GLN A 78 13.63 23.50 5.19
N ARG A 79 13.63 22.66 4.12
CA ARG A 79 13.84 21.23 4.28
C ARG A 79 15.19 20.96 5.04
N ASN A 80 15.13 20.15 6.09
CA ASN A 80 16.29 19.90 6.95
C ASN A 80 17.49 19.23 6.16
N SER A 81 18.74 19.59 6.45
CA SER A 81 19.88 19.09 5.69
C SER A 81 20.01 17.56 5.71
N SER A 82 19.63 16.90 6.80
CA SER A 82 19.68 15.42 6.78
C SER A 82 18.72 14.83 5.71
N LEU A 83 17.56 15.46 5.56
CA LEU A 83 16.58 15.02 4.54
C LEU A 83 17.13 15.34 3.14
N LYS A 84 17.77 16.48 2.97
CA LYS A 84 18.43 16.78 1.65
C LYS A 84 19.51 15.76 1.27
N ASP A 85 20.19 15.17 2.26
CA ASP A 85 21.16 14.09 2.02
C ASP A 85 20.42 12.84 1.51
N ILE A 86 19.25 12.55 2.09
CA ILE A 86 18.49 11.39 1.65
C ILE A 86 18.02 11.69 0.22
N ASP A 87 17.66 12.97 -0.07
CA ASP A 87 17.19 13.32 -1.41
C ASP A 87 18.25 12.98 -2.45
N ILE A 88 19.49 13.41 -2.18
CA ILE A 88 20.61 13.17 -3.11
C ILE A 88 20.84 11.69 -3.27
N ALA A 89 20.74 10.97 -2.16
CA ALA A 89 21.03 9.53 -2.21
C ALA A 89 19.99 8.78 -3.05
N ARG A 90 18.70 9.11 -2.88
CA ARG A 90 17.67 8.45 -3.66
C ARG A 90 17.59 8.88 -5.11
N GLU A 91 17.87 10.15 -5.35
CA GLU A 91 18.07 10.63 -6.69
C GLU A 91 19.14 9.79 -7.43
N ASN A 92 20.21 9.40 -6.75
CA ASN A 92 21.35 8.60 -7.30
CA ASN A 92 21.22 8.65 -7.46
C ASN A 92 21.07 7.11 -7.25
N ASN A 93 20.04 6.70 -6.50
CA ASN A 93 19.76 5.26 -6.37
C ASN A 93 18.28 4.97 -6.44
N PRO A 94 17.70 5.12 -7.64
CA PRO A 94 16.25 4.90 -7.78
C PRO A 94 15.79 3.45 -7.39
N ASP A 95 16.72 2.50 -7.37
CA ASP A 95 16.36 1.08 -7.11
C ASP A 95 16.48 0.69 -5.69
N TRP A 96 16.66 1.67 -4.78
CA TRP A 96 16.72 1.35 -3.34
C TRP A 96 15.52 0.49 -2.88
N ILE A 97 14.35 0.75 -3.47
CA ILE A 97 13.11 0.01 -3.21
C ILE A 97 13.16 -1.46 -3.62
N LEU A 98 14.13 -1.83 -4.45
CA LEU A 98 14.19 -3.16 -5.04
C LEU A 98 15.18 -4.09 -4.32
N SER A 99 15.90 -3.51 -3.36
CA SER A 99 16.92 -4.23 -2.61
C SER A 99 16.31 -5.33 -1.74
N ASN A 100 16.96 -6.50 -1.73
CA ASN A 100 16.54 -7.58 -0.83
C ASN A 100 16.75 -7.18 0.62
N LYS A 101 17.50 -6.11 0.86
CA LYS A 101 17.69 -5.63 2.26
C LYS A 101 16.38 -5.12 2.89
N GLN A 102 15.43 -4.68 2.06
CA GLN A 102 14.21 -4.02 2.59
C GLN A 102 13.23 -5.07 3.10
N VAL A 103 12.74 -4.85 4.34
CA VAL A 103 11.60 -5.61 4.83
C VAL A 103 10.73 -4.63 5.63
N GLY A 104 9.44 -4.61 5.31
CA GLY A 104 8.55 -3.63 5.91
C GLY A 104 7.65 -4.23 6.95
N GLY A 105 7.21 -3.39 7.87
CA GLY A 105 6.08 -3.73 8.78
C GLY A 105 5.04 -2.59 8.83
N VAL A 106 3.81 -2.91 9.21
CA VAL A 106 2.78 -1.85 9.38
C VAL A 106 2.04 -2.08 10.72
N CYS A 107 1.70 -1.02 11.46
CA CYS A 107 0.91 -1.20 12.66
C CYS A 107 0.11 0.06 12.93
N TYR A 108 -0.94 -0.03 13.76
CA TYR A 108 -1.59 1.17 14.28
C TYR A 108 -0.78 1.57 15.52
N VAL A 109 -0.49 2.86 15.66
CA VAL A 109 0.24 3.35 16.79
C VAL A 109 -0.55 3.04 18.10
N ASP A 110 -1.84 3.33 18.13
CA ASP A 110 -2.61 3.14 19.32
C ASP A 110 -2.75 1.64 19.65
N LEU A 111 -3.02 0.80 18.67
CA LEU A 111 -3.27 -0.62 19.02
C LEU A 111 -2.00 -1.32 19.39
N PHE A 112 -0.91 -0.97 18.66
CA PHE A 112 0.33 -1.73 18.81
C PHE A 112 1.14 -1.19 20.00
N ALA A 113 1.08 0.11 20.24
CA ALA A 113 2.03 0.73 21.20
C ALA A 113 1.46 1.81 22.06
N GLY A 114 0.14 2.01 21.99
CA GLY A 114 -0.48 3.03 22.86
C GLY A 114 -0.46 4.41 22.27
N ASP A 115 0.70 5.00 22.08
CA ASP A 115 0.85 6.37 21.59
C ASP A 115 2.22 6.51 20.95
N LEU A 116 2.55 7.69 20.43
CA LEU A 116 3.80 7.83 19.66
C LEU A 116 5.05 7.57 20.52
N LYS A 117 5.02 8.07 21.77
CA LYS A 117 6.15 7.76 22.70
C LYS A 117 6.34 6.28 22.92
N GLY A 118 5.21 5.57 23.09
CA GLY A 118 5.20 4.10 23.24
C GLY A 118 5.74 3.45 21.95
N LEU A 119 5.44 4.04 20.78
CA LEU A 119 5.91 3.45 19.51
C LEU A 119 7.41 3.64 19.48
N LYS A 120 7.89 4.79 19.92
CA LYS A 120 9.33 5.03 19.88
C LYS A 120 10.05 3.97 20.73
N ASP A 121 9.38 3.53 21.80
CA ASP A 121 9.94 2.48 22.67
C ASP A 121 9.95 1.09 22.05
N LYS A 122 9.15 0.90 21.01
CA LYS A 122 9.09 -0.37 20.28
C LYS A 122 10.16 -0.50 19.22
N ILE A 123 10.90 0.58 18.96
CA ILE A 123 11.87 0.58 17.84
C ILE A 123 12.94 -0.49 18.00
N PRO A 124 13.42 -0.73 19.24
CA PRO A 124 14.35 -1.88 19.38
C PRO A 124 13.75 -3.22 18.95
N TYR A 125 12.47 -3.47 19.25
CA TYR A 125 11.76 -4.65 18.67
C TYR A 125 11.77 -4.64 17.13
N PHE A 126 11.47 -3.49 16.49
CA PHE A 126 11.52 -3.42 15.02
C PHE A 126 12.89 -3.78 14.53
N GLN A 127 13.93 -3.35 15.23
CA GLN A 127 15.29 -3.73 14.79
C GLN A 127 15.55 -5.21 14.99
N GLU A 128 15.06 -5.75 16.10
CA GLU A 128 15.24 -7.18 16.39
C GLU A 128 14.58 -8.00 15.29
N LEU A 129 13.40 -7.54 14.84
CA LEU A 129 12.71 -8.24 13.73
C LEU A 129 13.41 -8.09 12.39
N GLY A 130 14.12 -6.97 12.16
CA GLY A 130 14.83 -6.75 10.93
C GLY A 130 14.19 -5.74 10.01
N LEU A 131 13.16 -5.03 10.49
CA LEU A 131 12.46 -4.10 9.66
C LEU A 131 13.40 -2.97 9.20
N THR A 132 13.19 -2.50 7.98
CA THR A 132 13.86 -1.34 7.44
C THR A 132 12.85 -0.33 6.99
N TYR A 133 11.56 -0.61 7.22
CA TYR A 133 10.45 0.23 6.67
C TYR A 133 9.29 0.03 7.64
N LEU A 134 8.65 1.11 8.05
CA LEU A 134 7.55 1.01 9.00
C LEU A 134 6.44 1.96 8.58
N HIS A 135 5.29 1.36 8.24
CA HIS A 135 4.09 2.12 7.96
C HIS A 135 3.27 2.28 9.23
N LEU A 136 3.05 3.54 9.61
CA LEU A 136 2.16 3.88 10.72
C LEU A 136 0.79 4.30 10.16
N MET A 137 -0.26 3.73 10.75
CA MET A 137 -1.66 3.92 10.27
C MET A 137 -2.09 5.37 10.60
N PRO A 138 -3.18 5.86 10.00
CA PRO A 138 -3.45 7.32 9.98
C PRO A 138 -3.36 7.93 11.38
N LEU A 139 -2.61 9.02 11.47
CA LEU A 139 -2.08 9.57 12.73
C LEU A 139 -2.77 10.89 13.07
N PHE A 140 -3.44 11.50 12.08
CA PHE A 140 -3.90 12.89 12.26
C PHE A 140 -5.33 13.01 12.75
N LYS A 141 -5.74 14.25 13.09
CA LYS A 141 -7.04 14.43 13.75
C LYS A 141 -8.15 13.92 12.87
N CYS A 142 -9.14 13.29 13.51
CA CYS A 142 -10.27 12.68 12.75
C CYS A 142 -11.51 12.75 13.68
N PRO A 143 -12.70 12.54 13.13
CA PRO A 143 -13.89 12.55 13.96
C PRO A 143 -13.80 11.59 15.17
N GLU A 144 -14.28 12.03 16.33
CA GLU A 144 -14.45 11.09 17.46
C GLU A 144 -15.51 10.03 17.14
N GLY A 145 -15.28 8.81 17.48
CA GLY A 145 -16.36 7.85 17.34
C GLY A 145 -16.01 7.13 16.08
N LYS A 146 -16.65 7.49 14.97
CA LYS A 146 -16.46 6.75 13.74
C LYS A 146 -15.61 7.59 12.79
N SER A 147 -14.44 7.07 12.45
CA SER A 147 -13.55 7.82 11.58
C SER A 147 -12.97 6.92 10.49
N ASP A 148 -13.60 5.77 10.22
CA ASP A 148 -13.03 4.78 9.34
C ASP A 148 -11.58 4.50 9.74
N GLY A 149 -11.40 4.24 11.04
CA GLY A 149 -10.05 3.90 11.56
C GLY A 149 -8.99 4.96 11.21
N GLY A 150 -9.36 6.24 11.27
CA GLY A 150 -8.42 7.37 10.99
C GLY A 150 -8.45 7.86 9.56
N TYR A 151 -9.09 7.11 8.67
CA TYR A 151 -9.13 7.47 7.24
C TYR A 151 -10.11 8.59 6.90
N ALA A 152 -10.88 9.08 7.88
CA ALA A 152 -11.70 10.29 7.63
C ALA A 152 -10.95 11.41 8.32
N VAL A 153 -10.19 12.18 7.55
CA VAL A 153 -9.22 13.11 8.12
C VAL A 153 -9.83 14.48 8.32
N SER A 154 -9.67 15.03 9.53
CA SER A 154 -10.21 16.36 9.87
C SER A 154 -9.11 17.41 9.82
N SER A 155 -7.87 16.94 9.68
CA SER A 155 -6.68 17.80 9.56
C SER A 155 -5.48 16.98 9.09
N TYR A 156 -4.74 17.47 8.10
CA TYR A 156 -3.53 16.82 7.63
C TYR A 156 -2.28 17.17 8.45
N ARG A 157 -2.43 18.13 9.36
CA ARG A 157 -1.28 18.69 10.19
C ARG A 157 -1.34 18.45 11.71
N ASP A 158 -2.54 18.39 12.26
CA ASP A 158 -2.64 18.20 13.70
C ASP A 158 -2.80 16.71 13.99
N VAL A 159 -1.88 16.21 14.80
CA VAL A 159 -1.87 14.81 15.24
C VAL A 159 -3.10 14.50 16.12
N ASN A 160 -3.58 13.29 16.00
CA ASN A 160 -4.64 12.86 16.87
C ASN A 160 -4.09 12.92 18.33
N PRO A 161 -4.72 13.74 19.22
CA PRO A 161 -4.10 13.95 20.53
C PRO A 161 -4.06 12.72 21.42
N ALA A 162 -4.86 11.70 21.11
CA ALA A 162 -4.69 10.41 21.81
C ALA A 162 -3.32 9.79 21.53
N LEU A 163 -2.71 10.19 20.39
CA LEU A 163 -1.45 9.60 19.97
C LEU A 163 -0.25 10.45 20.40
N GLY A 164 -0.49 11.74 20.63
CA GLY A 164 0.60 12.66 20.93
C GLY A 164 0.57 13.91 20.15
N THR A 165 1.73 14.51 19.91
CA THR A 165 1.75 15.78 19.19
C THR A 165 2.59 15.68 17.94
N ILE A 166 2.57 16.75 17.14
CA ILE A 166 3.44 16.82 15.97
C ILE A 166 4.91 16.70 16.37
N GLY A 167 5.26 17.23 17.53
CA GLY A 167 6.63 17.06 18.04
C GLY A 167 6.95 15.58 18.30
N ASP A 168 6.06 14.84 18.94
CA ASP A 168 6.26 13.41 19.16
C ASP A 168 6.49 12.67 17.82
N LEU A 169 5.75 13.06 16.78
CA LEU A 169 5.82 12.40 15.47
C LEU A 169 7.19 12.68 14.85
N ARG A 170 7.63 13.94 14.93
CA ARG A 170 8.98 14.32 14.51
C ARG A 170 10.09 13.48 15.15
N GLU A 171 10.00 13.27 16.46
CA GLU A 171 10.98 12.47 17.20
C GLU A 171 10.92 11.02 16.81
N VAL A 172 9.71 10.50 16.66
CA VAL A 172 9.56 9.11 16.18
C VAL A 172 10.27 8.96 14.84
N ILE A 173 10.00 9.85 13.90
CA ILE A 173 10.56 9.74 12.54
C ILE A 173 12.11 9.78 12.63
N ALA A 174 12.63 10.72 13.39
CA ALA A 174 14.08 10.82 13.52
C ALA A 174 14.64 9.54 14.18
N ALA A 175 13.95 9.03 15.20
CA ALA A 175 14.37 7.77 15.87
C ALA A 175 14.32 6.57 14.91
N LEU A 176 13.28 6.53 14.06
CA LEU A 176 13.24 5.51 13.02
C LEU A 176 14.43 5.62 12.08
N HIS A 177 14.72 6.84 11.63
CA HIS A 177 15.84 7.01 10.71
C HIS A 177 17.20 6.63 11.38
N GLU A 178 17.35 6.98 12.64
CA GLU A 178 18.59 6.60 13.39
C GLU A 178 18.74 5.10 13.41
N ALA A 179 17.60 4.38 13.49
CA ALA A 179 17.60 2.92 13.56
C ALA A 179 17.66 2.25 12.20
N GLY A 180 17.73 3.02 11.13
CA GLY A 180 17.84 2.40 9.83
C GLY A 180 16.48 2.05 9.20
N ILE A 181 15.45 2.76 9.60
CA ILE A 181 14.08 2.42 9.24
C ILE A 181 13.45 3.63 8.53
N SER A 182 12.89 3.39 7.35
CA SER A 182 12.15 4.45 6.60
C SER A 182 10.76 4.64 7.23
N ALA A 183 10.26 5.85 7.29
CA ALA A 183 8.91 6.13 7.85
C ALA A 183 7.91 6.27 6.73
N VAL A 184 6.80 5.54 6.84
CA VAL A 184 5.84 5.47 5.77
C VAL A 184 4.49 5.88 6.36
N VAL A 185 3.81 6.84 5.73
CA VAL A 185 2.47 7.20 6.21
C VAL A 185 1.49 7.37 5.10
N ASP A 186 0.20 7.42 5.44
CA ASP A 186 -0.82 7.61 4.44
C ASP A 186 -0.94 9.05 3.92
N PHE A 187 -1.22 9.15 2.63
CA PHE A 187 -1.58 10.42 2.06
C PHE A 187 -3.01 10.24 1.61
N ILE A 188 -3.97 10.71 2.42
CA ILE A 188 -5.40 10.38 2.20
C ILE A 188 -5.96 11.49 1.37
N PHE A 189 -5.67 11.39 0.10
CA PHE A 189 -5.79 12.51 -0.82
C PHE A 189 -7.07 12.50 -1.66
N ASN A 190 -7.84 11.41 -1.59
CA ASN A 190 -9.08 11.40 -2.37
C ASN A 190 -10.27 12.08 -1.65
N HIS A 191 -10.20 12.21 -0.30
CA HIS A 191 -11.39 12.60 0.47
C HIS A 191 -10.96 13.08 1.84
N THR A 192 -11.77 13.94 2.46
CA THR A 192 -11.50 14.38 3.83
C THR A 192 -12.72 13.96 4.64
N SER A 193 -12.64 14.08 5.96
CA SER A 193 -13.84 13.92 6.74
C SER A 193 -14.78 15.12 6.51
N ASN A 194 -16.04 14.91 6.89
CA ASN A 194 -17.01 15.99 6.76
C ASN A 194 -16.83 17.07 7.79
N GLU A 195 -15.93 16.87 8.73
CA GLU A 195 -15.62 17.87 9.77
C GLU A 195 -14.37 18.62 9.45
N HIS A 196 -13.74 18.29 8.33
CA HIS A 196 -12.58 19.05 7.92
C HIS A 196 -13.00 20.50 7.65
N GLU A 197 -12.16 21.45 8.06
CA GLU A 197 -12.46 22.86 7.77
C GLU A 197 -12.85 23.16 6.29
N TRP A 198 -12.16 22.53 5.33
CA TRP A 198 -12.46 22.78 3.90
C TRP A 198 -13.86 22.34 3.55
N ALA A 199 -14.26 21.18 4.08
CA ALA A 199 -15.61 20.65 3.83
C ALA A 199 -16.69 21.56 4.47
N GLN A 200 -16.50 21.96 5.72
CA GLN A 200 -17.43 22.87 6.38
C GLN A 200 -17.55 24.19 5.58
N ARG A 201 -16.40 24.75 5.24
CA ARG A 201 -16.40 26.01 4.48
C ARG A 201 -16.99 25.87 3.08
N CYS A 202 -16.65 24.77 2.38
CA CYS A 202 -17.23 24.52 1.08
C CYS A 202 -18.77 24.43 1.19
N ALA A 203 -19.27 23.66 2.16
CA ALA A 203 -20.73 23.41 2.24
C ALA A 203 -21.49 24.68 2.64
N ALA A 204 -20.85 25.51 3.47
CA ALA A 204 -21.40 26.78 3.93
C ALA A 204 -21.37 27.84 2.85
N GLY A 205 -20.71 27.56 1.74
CA GLY A 205 -20.75 28.47 0.56
C GLY A 205 -19.66 29.54 0.61
N ASP A 206 -18.66 29.33 1.46
CA ASP A 206 -17.49 30.19 1.49
C ASP A 206 -16.87 30.17 0.09
N PRO A 207 -16.74 31.35 -0.54
CA PRO A 207 -16.18 31.33 -1.91
C PRO A 207 -14.76 30.85 -2.00
N LEU A 208 -13.98 30.95 -0.91
CA LEU A 208 -12.57 30.50 -0.99
C LEU A 208 -12.51 28.95 -1.16
N PHE A 209 -13.64 28.28 -0.95
CA PHE A 209 -13.68 26.84 -0.98
C PHE A 209 -14.75 26.39 -1.93
N ASP A 210 -15.10 27.26 -2.90
CA ASP A 210 -16.03 26.86 -3.96
C ASP A 210 -15.47 25.63 -4.73
N ASN A 211 -16.32 24.62 -4.95
CA ASN A 211 -15.97 23.48 -5.80
C ASN A 211 -14.76 22.72 -5.22
N PHE A 212 -14.62 22.67 -3.90
CA PHE A 212 -13.62 21.79 -3.30
C PHE A 212 -14.09 20.34 -3.24
N TYR A 213 -15.39 20.12 -3.38
CA TYR A 213 -16.02 18.78 -3.29
C TYR A 213 -17.05 18.71 -4.41
N TYR A 214 -17.85 17.66 -4.48
CA TYR A 214 -18.85 17.52 -5.57
C TYR A 214 -20.21 17.52 -4.89
N ILE A 215 -20.88 18.67 -4.93
CA ILE A 215 -22.14 18.81 -4.17
C ILE A 215 -23.25 19.11 -5.16
N PHE A 216 -24.39 18.44 -5.03
CA PHE A 216 -25.46 18.55 -6.06
C PHE A 216 -26.77 18.95 -5.42
N PRO A 217 -27.67 19.59 -6.19
CA PRO A 217 -28.88 20.07 -5.52
C PRO A 217 -29.90 19.00 -5.16
N ASP A 218 -29.84 17.86 -5.83
CA ASP A 218 -30.91 16.84 -5.71
C ASP A 218 -30.35 15.55 -6.25
N ARG A 219 -31.20 14.53 -6.49
CA ARG A 219 -30.69 13.24 -7.01
C ARG A 219 -30.48 13.17 -8.51
N ARG A 220 -30.76 14.24 -9.27
CA ARG A 220 -30.70 14.14 -10.76
C ARG A 220 -29.31 13.63 -11.24
N MET A 221 -28.21 14.34 -10.90
CA MET A 221 -26.90 13.81 -11.30
C MET A 221 -26.43 12.58 -10.46
N PRO A 222 -26.63 12.58 -9.13
CA PRO A 222 -26.29 11.30 -8.46
C PRO A 222 -26.91 10.06 -9.05
N ASP A 223 -28.19 10.15 -9.46
CA ASP A 223 -28.81 8.97 -10.06
C ASP A 223 -28.15 8.59 -11.37
N GLN A 224 -27.82 9.59 -12.18
CA GLN A 224 -27.07 9.34 -13.37
C GLN A 224 -25.70 8.72 -13.16
N TYR A 225 -24.96 9.29 -12.20
CA TYR A 225 -23.63 8.72 -11.93
C TYR A 225 -23.71 7.27 -11.42
N ASP A 226 -24.65 7.04 -10.49
CA ASP A 226 -24.83 5.74 -9.86
C ASP A 226 -25.13 4.63 -10.85
N ARG A 227 -25.53 4.94 -12.08
CA ARG A 227 -25.67 3.88 -13.12
C ARG A 227 -24.36 3.10 -13.39
N THR A 228 -23.20 3.72 -13.21
CA THR A 228 -21.95 3.04 -13.38
C THR A 228 -21.00 3.01 -12.17
N LEU A 229 -21.46 3.38 -10.98
CA LEU A 229 -20.51 3.37 -9.84
C LEU A 229 -20.57 2.06 -9.07
N ARG A 230 -19.41 1.54 -8.73
CA ARG A 230 -19.25 0.38 -7.87
C ARG A 230 -19.45 0.86 -6.43
N GLU A 231 -20.06 0.01 -5.60
CA GLU A 231 -20.30 0.33 -4.18
C GLU A 231 -19.18 -0.26 -3.35
N ILE A 232 -18.46 0.60 -2.63
CA ILE A 232 -17.37 0.12 -1.84
C ILE A 232 -17.85 -0.32 -0.46
N PHE A 233 -18.74 0.48 0.18
CA PHE A 233 -19.30 0.10 1.47
C PHE A 233 -20.83 0.08 1.33
N PRO A 234 -21.37 -0.93 0.63
CA PRO A 234 -22.81 -0.88 0.38
C PRO A 234 -23.63 -0.97 1.70
N ASP A 235 -23.07 -1.52 2.79
CA ASP A 235 -23.81 -1.52 4.06
C ASP A 235 -24.09 -0.07 4.52
N GLN A 236 -23.21 0.85 4.15
CA GLN A 236 -23.31 2.26 4.62
C GLN A 236 -24.29 3.09 3.81
N HIS A 237 -24.29 2.93 2.49
CA HIS A 237 -25.17 3.71 1.63
C HIS A 237 -25.12 3.13 0.23
N PRO A 238 -26.22 3.30 -0.55
CA PRO A 238 -26.25 2.90 -1.94
C PRO A 238 -25.38 3.86 -2.79
N GLY A 239 -24.74 3.32 -3.81
CA GLY A 239 -24.19 4.18 -4.83
C GLY A 239 -23.04 5.01 -4.28
N GLY A 240 -22.82 6.18 -4.87
CA GLY A 240 -21.67 7.02 -4.53
C GLY A 240 -21.95 8.31 -3.79
N PHE A 241 -23.16 8.54 -3.27
CA PHE A 241 -23.57 9.87 -2.74
C PHE A 241 -24.30 9.75 -1.40
N SER A 242 -24.19 10.79 -0.58
CA SER A 242 -24.82 10.83 0.72
C SER A 242 -25.56 12.18 0.83
N GLN A 243 -26.63 12.22 1.62
CA GLN A 243 -27.47 13.43 1.65
C GLN A 243 -27.09 14.29 2.85
N LEU A 244 -26.89 15.58 2.63
CA LEU A 244 -26.66 16.51 3.72
C LEU A 244 -28.01 16.84 4.42
N GLU A 245 -27.89 17.33 5.66
CA GLU A 245 -29.05 17.81 6.46
C GLU A 245 -29.88 18.80 5.64
N ASP A 246 -29.24 19.68 4.86
CA ASP A 246 -30.02 20.62 4.07
C ASP A 246 -30.68 20.05 2.82
N GLY A 247 -30.55 18.73 2.59
CA GLY A 247 -31.12 18.09 1.39
C GLY A 247 -30.22 17.95 0.15
N ARG A 248 -29.06 18.61 0.15
CA ARG A 248 -28.17 18.52 -1.05
C ARG A 248 -27.51 17.16 -0.98
N TRP A 249 -26.82 16.74 -2.05
CA TRP A 249 -26.16 15.43 -2.07
C TRP A 249 -24.68 15.65 -2.35
N VAL A 250 -23.80 14.87 -1.69
CA VAL A 250 -22.38 15.08 -1.85
C VAL A 250 -21.72 13.73 -2.23
N TRP A 251 -20.69 13.78 -3.08
CA TRP A 251 -20.00 12.55 -3.49
C TRP A 251 -19.25 11.97 -2.35
N THR A 252 -19.56 10.70 -2.02
CA THR A 252 -18.96 9.99 -0.88
C THR A 252 -18.75 8.51 -1.30
N THR A 253 -17.64 8.26 -1.99
CA THR A 253 -17.29 6.91 -2.44
C THR A 253 -17.27 5.97 -1.24
N PHE A 254 -16.77 6.46 -0.10
CA PHE A 254 -16.58 5.60 1.07
C PHE A 254 -17.66 5.80 2.12
N ASN A 255 -17.35 6.09 3.39
CA ASN A 255 -18.46 6.37 4.34
C ASN A 255 -19.08 7.71 4.05
N SER A 256 -20.30 7.93 4.51
CA SER A 256 -21.00 9.19 4.37
C SER A 256 -20.24 10.36 4.98
N PHE A 257 -19.40 10.11 5.97
CA PHE A 257 -18.64 11.18 6.56
C PHE A 257 -17.25 11.41 5.89
N GLN A 258 -17.04 10.77 4.73
CA GLN A 258 -15.81 11.01 3.91
C GLN A 258 -16.25 11.61 2.57
N TRP A 259 -15.87 12.86 2.34
CA TRP A 259 -16.32 13.56 1.17
C TRP A 259 -15.17 13.66 0.16
N ASP A 260 -15.43 13.21 -1.06
CA ASP A 260 -14.41 13.13 -2.13
C ASP A 260 -14.04 14.56 -2.58
N LEU A 261 -12.73 14.84 -2.58
CA LEU A 261 -12.16 16.12 -3.00
C LEU A 261 -12.27 16.27 -4.48
N ASN A 262 -12.45 17.52 -4.92
CA ASN A 262 -12.75 17.81 -6.32
C ASN A 262 -11.52 18.20 -7.11
N TYR A 263 -10.79 17.21 -7.65
CA TYR A 263 -9.57 17.48 -8.42
C TYR A 263 -9.83 18.17 -9.75
N SER A 264 -11.09 18.34 -10.15
CA SER A 264 -11.27 19.14 -11.38
C SER A 264 -11.05 20.64 -11.12
N ASN A 265 -10.88 20.96 -9.84
CA ASN A 265 -10.55 22.30 -9.42
C ASN A 265 -9.03 22.33 -9.17
N PRO A 266 -8.29 23.03 -10.02
CA PRO A 266 -6.87 23.06 -9.84
C PRO A 266 -6.41 23.58 -8.44
N TRP A 267 -7.23 24.39 -7.77
CA TRP A 267 -6.89 24.84 -6.40
C TRP A 267 -6.93 23.69 -5.38
N VAL A 268 -7.64 22.62 -5.70
CA VAL A 268 -7.62 21.41 -4.87
C VAL A 268 -6.26 20.71 -5.01
N PHE A 269 -5.77 20.58 -6.24
CA PHE A 269 -4.46 20.04 -6.47
C PHE A 269 -3.42 20.82 -5.65
N ARG A 270 -3.49 22.15 -5.72
CA ARG A 270 -2.47 22.98 -5.08
C ARG A 270 -2.58 22.74 -3.56
N ALA A 271 -3.82 22.76 -3.04
CA ALA A 271 -4.04 22.47 -1.61
C ALA A 271 -3.38 21.19 -1.10
N MET A 272 -3.65 20.11 -1.82
CA MET A 272 -3.11 18.79 -1.51
C MET A 272 -1.60 18.74 -1.78
N ALA A 273 -1.12 19.47 -2.78
CA ALA A 273 0.32 19.46 -2.94
C ALA A 273 1.01 20.17 -1.76
N GLY A 274 0.39 21.22 -1.22
CA GLY A 274 0.92 21.83 0.01
C GLY A 274 0.93 20.86 1.20
N GLU A 275 -0.15 20.08 1.36
CA GLU A 275 -0.15 19.08 2.41
C GLU A 275 0.96 18.03 2.16
N MET A 276 1.12 17.63 0.90
CA MET A 276 2.18 16.65 0.58
C MET A 276 3.59 17.18 1.02
N LEU A 277 3.89 18.45 0.72
CA LEU A 277 5.19 19.07 1.08
C LEU A 277 5.39 19.18 2.61
N PHE A 278 4.31 19.43 3.34
CA PHE A 278 4.35 19.39 4.83
C PHE A 278 4.75 18.01 5.34
N LEU A 279 4.13 16.93 4.80
CA LEU A 279 4.51 15.57 5.20
C LEU A 279 5.94 15.28 4.79
N ALA A 280 6.33 15.69 3.55
CA ALA A 280 7.69 15.49 3.11
C ALA A 280 8.67 16.05 4.13
N ASN A 281 8.43 17.27 4.61
CA ASN A 281 9.43 17.92 5.45
C ASN A 281 9.42 17.39 6.88
N LEU A 282 8.41 16.59 7.23
CA LEU A 282 8.49 15.79 8.47
C LEU A 282 9.55 14.70 8.38
N GLY A 283 9.99 14.38 7.17
CA GLY A 283 10.99 13.34 6.93
C GLY A 283 10.32 12.03 6.51
N VAL A 284 9.05 12.07 6.10
CA VAL A 284 8.38 10.84 5.62
C VAL A 284 9.13 10.33 4.37
N ASP A 285 9.33 9.01 4.28
CA ASP A 285 10.11 8.45 3.17
C ASP A 285 9.19 7.99 2.05
N ILE A 286 8.05 7.41 2.44
CA ILE A 286 7.07 6.91 1.48
C ILE A 286 5.68 7.31 1.90
N LEU A 287 4.94 7.85 0.93
CA LEU A 287 3.51 8.18 1.08
C LEU A 287 2.64 7.11 0.43
N ARG A 288 1.78 6.52 1.25
CA ARG A 288 0.77 5.58 0.76
C ARG A 288 -0.38 6.39 0.19
N MET A 289 -0.57 6.25 -1.12
CA MET A 289 -1.44 7.13 -1.88
C MET A 289 -2.79 6.44 -1.84
N ASP A 290 -3.57 6.78 -0.81
CA ASP A 290 -4.84 6.14 -0.52
C ASP A 290 -5.92 6.39 -1.59
N ALA A 291 -6.55 5.34 -2.09
CA ALA A 291 -7.67 5.49 -3.03
C ALA A 291 -7.29 6.22 -4.35
N VAL A 292 -6.10 5.91 -4.89
CA VAL A 292 -5.62 6.54 -6.10
C VAL A 292 -6.64 6.40 -7.25
N ALA A 293 -7.37 5.28 -7.31
CA ALA A 293 -8.23 5.00 -8.46
C ALA A 293 -9.37 6.04 -8.61
N PHE A 294 -9.72 6.72 -7.51
CA PHE A 294 -10.99 7.45 -7.43
C PHE A 294 -10.84 8.94 -7.62
N ILE A 295 -9.64 9.42 -7.89
CA ILE A 295 -9.46 10.89 -7.92
C ILE A 295 -9.93 11.66 -9.17
N TRP A 296 -10.44 10.97 -10.18
CA TRP A 296 -11.13 11.65 -11.26
C TRP A 296 -12.51 11.02 -11.54
N LYS A 297 -13.50 11.88 -11.81
CA LYS A 297 -14.87 11.47 -12.01
C LYS A 297 -15.28 11.85 -13.41
N GLN A 298 -16.08 11.02 -14.08
CA GLN A 298 -16.65 11.39 -15.34
C GLN A 298 -17.94 10.61 -15.54
N MET A 299 -19.03 11.35 -15.73
CA MET A 299 -20.37 10.79 -16.03
C MET A 299 -20.30 9.69 -17.08
N GLY A 300 -20.93 8.56 -16.79
CA GLY A 300 -21.04 7.44 -17.74
C GLY A 300 -19.85 6.49 -17.68
N THR A 301 -18.92 6.77 -16.78
CA THR A 301 -17.76 5.84 -16.61
C THR A 301 -17.82 5.36 -15.19
N SER A 302 -16.96 4.39 -14.84
CA SER A 302 -16.86 3.94 -13.44
C SER A 302 -16.26 4.97 -12.48
N CYS A 303 -15.64 6.04 -13.00
CA CYS A 303 -15.03 7.02 -12.10
C CYS A 303 -13.92 6.28 -11.29
N GLU A 304 -13.32 5.27 -11.91
CA GLU A 304 -12.10 4.61 -11.37
C GLU A 304 -11.10 4.52 -12.50
N ASN A 305 -9.85 4.78 -12.16
CA ASN A 305 -8.72 4.51 -13.04
C ASN A 305 -8.75 5.37 -14.31
N LEU A 306 -9.39 6.52 -14.26
CA LEU A 306 -9.46 7.37 -15.47
C LEU A 306 -8.10 8.01 -15.82
N PRO A 307 -7.90 8.37 -17.09
CA PRO A 307 -6.56 8.86 -17.52
C PRO A 307 -6.11 10.05 -16.66
N GLN A 308 -7.05 10.96 -16.33
CA GLN A 308 -6.68 12.12 -15.50
C GLN A 308 -6.22 11.75 -14.11
N ALA A 309 -6.73 10.63 -13.54
CA ALA A 309 -6.24 10.22 -12.24
C ALA A 309 -4.74 9.92 -12.31
N HIS A 310 -4.35 9.14 -13.32
CA HIS A 310 -2.93 8.83 -13.53
C HIS A 310 -2.13 10.11 -13.78
N ALA A 311 -2.66 11.01 -14.59
CA ALA A 311 -1.94 12.27 -14.81
C ALA A 311 -1.70 13.09 -13.52
N LEU A 312 -2.70 13.16 -12.63
CA LEU A 312 -2.56 13.96 -11.42
C LEU A 312 -1.48 13.33 -10.50
N ILE A 313 -1.46 12.01 -10.40
CA ILE A 313 -0.44 11.37 -9.64
C ILE A 313 0.96 11.63 -10.17
N ARG A 314 1.13 11.59 -11.49
CA ARG A 314 2.42 11.95 -12.12
C ARG A 314 2.76 13.42 -11.88
N ALA A 315 1.75 14.28 -11.80
CA ALA A 315 2.01 15.68 -11.44
C ALA A 315 2.52 15.75 -10.00
N PHE A 316 1.81 15.09 -9.08
CA PHE A 316 2.31 14.99 -7.69
C PHE A 316 3.75 14.42 -7.64
N ASN A 317 3.99 13.40 -8.43
CA ASN A 317 5.35 12.84 -8.46
C ASN A 317 6.43 13.88 -8.80
N ALA A 318 6.18 14.63 -9.89
CA ALA A 318 7.11 15.65 -10.36
C ALA A 318 7.31 16.73 -9.27
N VAL A 319 6.26 17.06 -8.50
CA VAL A 319 6.44 17.99 -7.34
C VAL A 319 7.47 17.48 -6.35
N MET A 320 7.42 16.19 -6.01
CA MET A 320 8.43 15.58 -5.16
C MET A 320 9.83 15.55 -5.79
N ARG A 321 9.90 15.24 -7.08
CA ARG A 321 11.25 15.30 -7.79
C ARG A 321 11.86 16.69 -7.71
N ILE A 322 11.02 17.71 -7.69
CA ILE A 322 11.48 19.09 -7.60
C ILE A 322 11.85 19.50 -6.16
N ALA A 323 10.97 19.18 -5.18
CA ALA A 323 11.07 19.76 -3.85
C ALA A 323 11.32 18.81 -2.70
N ALA A 324 11.25 17.49 -2.93
CA ALA A 324 11.61 16.50 -1.88
C ALA A 324 11.85 15.13 -2.56
N PRO A 325 12.98 15.01 -3.33
CA PRO A 325 13.30 13.82 -4.10
C PRO A 325 13.33 12.51 -3.33
N ALA A 326 13.57 12.53 -2.02
CA ALA A 326 13.52 11.31 -1.17
C ALA A 326 12.15 10.66 -1.11
N VAL A 327 11.12 11.47 -1.34
CA VAL A 327 9.78 10.99 -1.01
C VAL A 327 9.21 10.15 -2.20
N PHE A 328 8.95 8.89 -1.91
CA PHE A 328 8.43 7.98 -2.94
C PHE A 328 6.94 7.72 -2.66
N PHE A 329 6.22 7.19 -3.64
CA PHE A 329 4.78 6.94 -3.52
C PHE A 329 4.55 5.44 -3.56
N LYS A 330 3.64 4.99 -2.68
CA LYS A 330 3.09 3.61 -2.75
C LYS A 330 1.61 3.61 -3.15
N SER A 331 1.33 3.08 -4.34
CA SER A 331 -0.03 3.02 -4.85
C SER A 331 -0.85 1.98 -4.08
N GLU A 332 -2.04 2.38 -3.65
CA GLU A 332 -2.95 1.44 -3.04
C GLU A 332 -4.15 1.43 -4.01
N ALA A 333 -4.11 0.51 -5.00
CA ALA A 333 -5.15 0.34 -6.01
C ALA A 333 -5.57 -1.12 -5.94
N ILE A 334 -6.71 -1.39 -5.33
CA ILE A 334 -7.24 -2.75 -5.20
C ILE A 334 -8.35 -2.88 -6.24
N VAL A 335 -7.90 -3.16 -7.47
CA VAL A 335 -8.78 -3.08 -8.64
C VAL A 335 -8.40 -4.20 -9.59
N HIS A 336 -9.00 -4.26 -10.78
CA HIS A 336 -8.57 -5.29 -11.76
C HIS A 336 -7.05 -5.28 -11.99
N PRO A 337 -6.42 -6.45 -12.10
CA PRO A 337 -4.95 -6.47 -12.28
C PRO A 337 -4.45 -5.66 -13.46
N ASP A 338 -5.23 -5.57 -14.54
CA ASP A 338 -4.76 -4.73 -15.69
C ASP A 338 -4.62 -3.27 -15.27
N GLN A 339 -5.48 -2.87 -14.33
CA GLN A 339 -5.51 -1.49 -13.89
C GLN A 339 -4.54 -1.27 -12.71
N VAL A 340 -4.34 -2.26 -11.86
CA VAL A 340 -3.41 -2.13 -10.71
C VAL A 340 -2.04 -1.65 -11.22
N VAL A 341 -1.60 -2.28 -12.29
CA VAL A 341 -0.22 -2.11 -12.70
C VAL A 341 0.02 -0.79 -13.41
N GLN A 342 -1.04 -0.17 -13.89
CA GLN A 342 -0.87 1.13 -14.59
C GLN A 342 -0.48 2.29 -13.64
N TYR A 343 -0.61 2.09 -12.33
CA TYR A 343 -0.18 3.14 -11.38
C TYR A 343 1.29 3.07 -11.11
N ILE A 344 1.91 1.93 -11.47
CA ILE A 344 3.28 1.65 -11.10
C ILE A 344 4.25 2.13 -12.18
N GLY A 345 5.05 3.13 -11.84
CA GLY A 345 5.98 3.69 -12.84
C GLY A 345 6.92 4.62 -12.10
N GLN A 346 8.16 4.75 -12.59
CA GLN A 346 9.11 5.62 -11.89
C GLN A 346 8.52 7.03 -11.81
N ASP A 347 7.78 7.47 -12.84
CA ASP A 347 7.24 8.85 -12.81
C ASP A 347 5.81 8.91 -12.21
N GLU A 348 5.30 7.79 -11.67
CA GLU A 348 3.96 7.78 -11.08
C GLU A 348 4.08 7.27 -9.63
N CYS A 349 3.64 6.03 -9.35
CA CYS A 349 3.95 5.42 -8.06
C CYS A 349 5.08 4.42 -8.27
N GLN A 350 6.20 4.66 -7.58
CA GLN A 350 7.39 3.80 -7.78
C GLN A 350 7.15 2.43 -7.20
N ILE A 351 6.30 2.33 -6.18
CA ILE A 351 5.92 1.02 -5.65
C ILE A 351 4.39 0.94 -5.53
N GLY A 352 3.87 -0.28 -5.53
CA GLY A 352 2.44 -0.43 -5.37
C GLY A 352 2.13 -1.72 -4.67
N TYR A 353 1.08 -1.74 -3.86
CA TYR A 353 0.58 -3.02 -3.32
C TYR A 353 0.30 -4.02 -4.43
N ASN A 354 0.50 -5.29 -4.11
CA ASN A 354 0.29 -6.39 -5.08
C ASN A 354 -0.93 -7.27 -4.60
N PRO A 355 -2.17 -6.76 -4.76
CA PRO A 355 -3.30 -7.49 -4.23
C PRO A 355 -3.52 -8.77 -5.00
N LEU A 356 -3.00 -8.84 -6.23
CA LEU A 356 -3.21 -10.10 -6.97
C LEU A 356 -2.45 -11.24 -6.29
N GLN A 357 -1.18 -11.01 -5.98
CA GLN A 357 -0.45 -12.10 -5.34
C GLN A 357 -1.07 -12.45 -4.01
N MET A 358 -1.43 -11.41 -3.25
CA MET A 358 -1.92 -11.60 -1.88
C MET A 358 -3.22 -12.42 -1.95
N ALA A 359 -4.18 -12.00 -2.78
CA ALA A 359 -5.50 -12.69 -2.92
C ALA A 359 -5.26 -14.17 -3.34
N LEU A 360 -4.31 -14.38 -4.28
CA LEU A 360 -4.08 -15.72 -4.80
C LEU A 360 -3.32 -16.61 -3.78
N LEU A 361 -2.51 -16.04 -2.86
CA LEU A 361 -1.93 -16.85 -1.77
C LEU A 361 -3.12 -17.52 -1.03
N TRP A 362 -4.12 -16.74 -0.66
CA TRP A 362 -5.29 -17.24 0.09
C TRP A 362 -6.12 -18.20 -0.71
N ASN A 363 -6.37 -17.82 -1.96
CA ASN A 363 -7.04 -18.72 -2.87
C ASN A 363 -6.38 -20.12 -2.91
N THR A 364 -5.05 -20.14 -3.06
CA THR A 364 -4.31 -21.40 -3.19
C THR A 364 -4.36 -22.23 -1.86
N LEU A 365 -4.34 -21.59 -0.70
CA LEU A 365 -4.61 -22.34 0.53
C LEU A 365 -5.97 -23.04 0.51
N ALA A 366 -7.00 -22.35 0.02
CA ALA A 366 -8.33 -22.93 -0.03
C ALA A 366 -8.44 -24.07 -1.03
N THR A 367 -7.96 -23.86 -2.25
CA THR A 367 -8.21 -24.84 -3.33
C THR A 367 -7.12 -25.96 -3.33
N ARG A 368 -5.97 -25.67 -2.73
CA ARG A 368 -4.74 -26.51 -2.77
C ARG A 368 -4.11 -26.51 -4.16
N GLU A 369 -4.61 -25.69 -5.10
CA GLU A 369 -4.15 -25.74 -6.49
C GLU A 369 -3.47 -24.44 -6.87
N VAL A 370 -2.21 -24.52 -7.31
CA VAL A 370 -1.40 -23.30 -7.55
C VAL A 370 -1.64 -22.66 -8.92
N ASN A 371 -2.59 -23.21 -9.71
CA ASN A 371 -2.84 -22.72 -11.11
C ASN A 371 -2.95 -21.20 -11.26
N LEU A 372 -3.89 -20.57 -10.53
CA LEU A 372 -4.02 -19.10 -10.61
C LEU A 372 -2.77 -18.38 -10.10
N LEU A 373 -2.21 -18.86 -9.01
CA LEU A 373 -1.00 -18.22 -8.45
C LEU A 373 0.17 -18.29 -9.50
N HIS A 374 0.33 -19.47 -10.10
CA HIS A 374 1.38 -19.70 -11.10
C HIS A 374 1.16 -18.78 -12.29
N GLN A 375 -0.08 -18.72 -12.77
CA GLN A 375 -0.41 -17.81 -13.89
C GLN A 375 -0.01 -16.34 -13.58
N ALA A 376 -0.43 -15.85 -12.41
CA ALA A 376 -0.05 -14.49 -11.97
C ALA A 376 1.46 -14.31 -11.85
N LEU A 377 2.18 -15.27 -11.29
CA LEU A 377 3.65 -15.10 -11.11
C LEU A 377 4.36 -15.17 -12.50
N THR A 378 3.80 -15.92 -13.44
CA THR A 378 4.35 -16.04 -14.81
C THR A 378 4.14 -14.80 -15.64
N TYR A 379 2.94 -14.22 -15.57
CA TYR A 379 2.49 -13.18 -16.55
C TYR A 379 2.29 -11.79 -15.99
N ARG A 380 2.18 -11.64 -14.66
CA ARG A 380 1.90 -10.37 -14.09
C ARG A 380 2.83 -9.93 -12.97
N HIS A 381 3.95 -10.62 -12.80
CA HIS A 381 4.87 -10.27 -11.73
C HIS A 381 5.91 -9.21 -12.09
N ASN A 382 6.55 -9.42 -13.24
CA ASN A 382 7.66 -8.54 -13.64
C ASN A 382 7.15 -7.11 -13.93
N LEU A 383 7.91 -6.10 -13.47
CA LEU A 383 7.51 -4.71 -13.60
C LEU A 383 8.54 -3.86 -14.40
N PRO A 384 8.15 -2.63 -14.77
CA PRO A 384 9.14 -1.73 -15.39
C PRO A 384 10.38 -1.47 -14.51
N GLU A 385 11.47 -1.03 -15.14
CA GLU A 385 12.64 -0.70 -14.37
C GLU A 385 12.32 0.34 -13.29
N HIS A 386 13.03 0.31 -12.17
CA HIS A 386 12.90 1.35 -11.14
C HIS A 386 11.55 1.34 -10.39
N THR A 387 10.90 0.19 -10.38
CA THR A 387 9.64 0.09 -9.65
C THR A 387 9.58 -1.25 -8.96
N ALA A 388 8.72 -1.38 -7.93
CA ALA A 388 8.64 -2.66 -7.22
C ALA A 388 7.21 -2.88 -6.69
N TRP A 389 6.82 -4.15 -6.51
CA TRP A 389 5.63 -4.50 -5.74
C TRP A 389 5.92 -4.35 -4.24
N VAL A 390 4.83 -4.08 -3.51
CA VAL A 390 4.78 -4.34 -2.09
C VAL A 390 4.01 -5.61 -1.96
N ASN A 391 4.70 -6.69 -1.58
CA ASN A 391 4.06 -8.00 -1.44
C ASN A 391 3.62 -8.18 0.02
N TYR A 392 2.38 -8.64 0.23
CA TYR A 392 1.87 -8.72 1.60
C TYR A 392 0.94 -9.93 1.75
N VAL A 393 0.66 -10.29 2.99
CA VAL A 393 -0.18 -11.46 3.29
C VAL A 393 -1.53 -10.95 3.84
N ARG A 394 -1.47 -9.98 4.75
CA ARG A 394 -2.69 -9.30 5.25
C ARG A 394 -2.45 -7.84 5.41
N SER A 395 -3.53 -7.09 5.61
CA SER A 395 -3.47 -5.65 5.82
C SER A 395 -4.52 -5.31 6.86
N HIS A 396 -4.69 -4.02 7.11
CA HIS A 396 -5.77 -3.55 7.97
C HIS A 396 -7.15 -3.69 7.32
N ASP A 397 -7.18 -4.02 6.02
CA ASP A 397 -8.44 -4.14 5.29
C ASP A 397 -8.82 -5.63 5.14
N ASP A 398 -10.07 -5.80 4.77
CA ASP A 398 -10.58 -7.09 4.31
C ASP A 398 -9.74 -7.56 3.08
N ILE A 399 -9.86 -8.83 2.79
CA ILE A 399 -9.33 -9.40 1.57
C ILE A 399 -10.41 -9.39 0.47
N GLY A 400 -10.10 -8.82 -0.69
CA GLY A 400 -11.03 -8.83 -1.82
C GLY A 400 -10.46 -9.80 -2.85
N TRP A 401 -11.35 -10.46 -3.60
CA TRP A 401 -10.87 -11.55 -4.49
C TRP A 401 -10.50 -10.94 -5.86
N THR A 402 -9.44 -10.14 -5.94
CA THR A 402 -9.27 -9.30 -7.12
C THR A 402 -8.42 -9.90 -8.26
N PHE A 403 -8.65 -11.17 -8.56
CA PHE A 403 -8.02 -11.80 -9.71
C PHE A 403 -8.86 -11.44 -10.95
N ALA A 404 -8.27 -11.61 -12.14
CA ALA A 404 -8.90 -11.26 -13.40
C ALA A 404 -9.80 -12.38 -13.91
N ASP A 405 -11.08 -12.08 -14.17
CA ASP A 405 -11.99 -13.13 -14.60
C ASP A 405 -11.51 -13.69 -15.95
N GLU A 406 -10.88 -12.84 -16.75
CA GLU A 406 -10.42 -13.22 -18.11
C GLU A 406 -9.29 -14.22 -17.96
N ASP A 407 -8.43 -13.98 -16.98
CA ASP A 407 -7.36 -14.91 -16.67
C ASP A 407 -7.89 -16.24 -16.20
N ALA A 408 -8.83 -16.18 -15.25
CA ALA A 408 -9.44 -17.40 -14.70
C ALA A 408 -10.15 -18.16 -15.79
N ALA A 409 -10.81 -17.42 -16.69
CA ALA A 409 -11.50 -18.09 -17.87
C ALA A 409 -10.51 -18.86 -18.74
N TYR A 410 -9.27 -18.42 -18.91
CA TYR A 410 -8.30 -19.20 -19.69
C TYR A 410 -8.05 -20.52 -18.98
N LEU A 411 -8.25 -20.58 -17.66
CA LEU A 411 -7.98 -21.81 -16.91
C LEU A 411 -9.23 -22.69 -16.67
N GLY A 412 -10.34 -22.33 -17.30
CA GLY A 412 -11.60 -23.06 -17.10
C GLY A 412 -12.30 -22.73 -15.81
N ILE A 413 -11.94 -21.59 -15.22
CA ILE A 413 -12.51 -21.16 -13.93
C ILE A 413 -13.48 -19.98 -14.14
N SER A 414 -14.71 -20.15 -13.62
CA SER A 414 -15.73 -19.06 -13.60
C SER A 414 -15.48 -18.20 -12.38
N GLY A 415 -15.06 -16.95 -12.62
CA GLY A 415 -14.76 -16.00 -11.54
C GLY A 415 -15.87 -15.83 -10.55
N TYR A 416 -17.08 -15.61 -11.03
CA TYR A 416 -18.22 -15.42 -10.13
C TYR A 416 -18.38 -16.62 -9.21
N ASP A 417 -18.48 -17.83 -9.76
CA ASP A 417 -18.67 -19.04 -8.95
C ASP A 417 -17.50 -19.29 -7.97
N HIS A 418 -16.30 -19.02 -8.49
CA HIS A 418 -15.10 -19.22 -7.66
C HIS A 418 -15.08 -18.31 -6.46
N ARG A 419 -15.47 -17.06 -6.65
CA ARG A 419 -15.52 -16.14 -5.49
C ARG A 419 -16.55 -16.57 -4.46
N GLN A 420 -17.69 -17.10 -4.92
CA GLN A 420 -18.72 -17.60 -4.00
C GLN A 420 -18.07 -18.68 -3.13
N PHE A 421 -17.32 -19.58 -3.77
CA PHE A 421 -16.65 -20.62 -3.06
C PHE A 421 -15.64 -19.99 -2.08
N LEU A 422 -14.81 -19.04 -2.54
CA LEU A 422 -13.77 -18.51 -1.63
C LEU A 422 -14.41 -17.84 -0.43
N ASN A 423 -15.47 -17.11 -0.70
CA ASN A 423 -16.22 -16.44 0.36
C ASN A 423 -16.83 -17.43 1.36
N ARG A 424 -17.43 -18.52 0.89
CA ARG A 424 -17.92 -19.55 1.81
C ARG A 424 -16.78 -20.15 2.67
N PHE A 425 -15.65 -20.44 2.02
CA PHE A 425 -14.53 -21.16 2.64
C PHE A 425 -13.96 -20.36 3.81
N PHE A 426 -13.68 -19.09 3.52
CA PHE A 426 -12.97 -18.26 4.44
C PHE A 426 -13.78 -17.74 5.61
N VAL A 427 -15.10 -17.88 5.54
CA VAL A 427 -15.94 -17.51 6.69
C VAL A 427 -16.48 -18.77 7.43
N ASN A 428 -15.85 -19.91 7.17
CA ASN A 428 -16.19 -21.23 7.78
C ASN A 428 -17.63 -21.67 7.44
N ARG A 429 -17.99 -21.55 6.16
CA ARG A 429 -19.30 -22.03 5.66
C ARG A 429 -19.09 -23.00 4.52
N PHE A 430 -18.03 -23.77 4.64
CA PHE A 430 -17.74 -24.81 3.66
C PHE A 430 -17.15 -25.98 4.40
N ASP A 431 -17.69 -27.17 4.12
CA ASP A 431 -17.33 -28.37 4.86
C ASP A 431 -15.82 -28.54 4.95
N GLY A 432 -15.29 -28.68 6.16
CA GLY A 432 -13.86 -28.95 6.32
C GLY A 432 -12.96 -27.74 6.41
N SER A 433 -13.50 -26.57 6.14
CA SER A 433 -12.66 -25.34 6.11
C SER A 433 -11.89 -25.16 7.43
N PHE A 434 -10.59 -24.87 7.30
CA PHE A 434 -9.81 -24.43 8.45
C PHE A 434 -9.95 -22.93 8.82
N ALA A 435 -10.64 -22.18 7.99
CA ALA A 435 -10.61 -20.71 8.13
C ALA A 435 -11.68 -20.22 9.07
N ARG A 436 -11.35 -19.17 9.84
CA ARG A 436 -12.31 -18.59 10.81
C ARG A 436 -12.41 -17.09 10.60
N GLY A 437 -12.73 -16.70 9.36
CA GLY A 437 -12.90 -15.27 8.99
C GLY A 437 -14.37 -14.86 9.16
N VAL A 438 -14.68 -13.60 8.86
CA VAL A 438 -16.00 -13.03 9.10
C VAL A 438 -16.30 -12.27 7.80
N PRO A 439 -17.56 -12.28 7.30
CA PRO A 439 -17.86 -11.52 6.07
C PRO A 439 -17.69 -9.98 6.19
N PHE A 440 -17.43 -9.33 5.06
CA PHE A 440 -17.37 -7.91 5.04
C PHE A 440 -18.03 -7.42 3.73
N GLN A 441 -19.10 -6.63 3.90
CA GLN A 441 -19.78 -5.97 2.77
C GLN A 441 -20.32 -6.93 1.74
N TYR A 442 -21.00 -7.98 2.23
CA TYR A 442 -21.77 -8.80 1.33
C TYR A 442 -22.77 -7.85 0.63
N ASN A 443 -22.77 -7.90 -0.71
CA ASN A 443 -23.65 -7.01 -1.49
C ASN A 443 -24.72 -7.84 -2.24
N PRO A 444 -25.97 -7.83 -1.75
CA PRO A 444 -27.01 -8.73 -2.35
C PRO A 444 -27.41 -8.36 -3.78
N SER A 445 -27.09 -7.13 -4.21
CA SER A 445 -27.30 -6.79 -5.60
C SER A 445 -26.25 -7.32 -6.59
N THR A 446 -25.03 -7.65 -6.13
CA THR A 446 -23.95 -8.17 -7.00
C THR A 446 -23.41 -9.60 -6.65
N GLY A 447 -23.73 -10.10 -5.47
CA GLY A 447 -23.10 -11.35 -4.98
C GLY A 447 -21.71 -11.09 -4.41
N ASP A 448 -21.19 -9.85 -4.48
CA ASP A 448 -19.81 -9.61 -4.02
C ASP A 448 -19.72 -9.70 -2.48
N CYS A 449 -18.60 -10.20 -2.00
CA CYS A 449 -18.33 -10.16 -0.57
C CYS A 449 -16.81 -10.20 -0.39
N ARG A 450 -16.35 -9.64 0.72
CA ARG A 450 -14.93 -9.72 1.09
C ARG A 450 -14.79 -10.37 2.45
N VAL A 451 -13.54 -10.58 2.90
CA VAL A 451 -13.32 -11.39 4.11
C VAL A 451 -12.49 -10.61 5.11
N SER A 452 -12.95 -10.61 6.36
CA SER A 452 -12.19 -10.02 7.48
C SER A 452 -11.61 -11.21 8.31
N GLY A 453 -10.52 -10.93 9.05
CA GLY A 453 -9.90 -11.91 9.94
C GLY A 453 -8.41 -11.80 9.81
N THR A 454 -7.67 -12.10 10.91
CA THR A 454 -6.19 -12.04 10.86
C THR A 454 -5.63 -13.22 10.08
N ALA A 455 -4.38 -13.11 9.66
CA ALA A 455 -3.73 -14.26 9.04
C ALA A 455 -3.92 -15.57 9.85
N ALA A 456 -3.69 -15.49 11.16
CA ALA A 456 -3.74 -16.67 12.06
C ALA A 456 -5.19 -17.21 12.13
N ALA A 457 -6.18 -16.34 12.22
CA ALA A 457 -7.58 -16.79 12.15
C ALA A 457 -7.92 -17.54 10.84
N LEU A 458 -7.37 -17.06 9.72
CA LEU A 458 -7.78 -17.60 8.42
C LEU A 458 -7.06 -18.92 8.10
N VAL A 459 -5.97 -19.22 8.81
CA VAL A 459 -5.26 -20.48 8.56
C VAL A 459 -5.63 -21.59 9.58
N GLY A 460 -6.45 -21.28 10.60
CA GLY A 460 -6.86 -22.32 11.58
C GLY A 460 -6.16 -22.25 12.92
N LEU A 461 -5.41 -21.19 13.21
CA LEU A 461 -4.72 -21.14 14.50
C LEU A 461 -5.70 -20.96 15.67
N ALA A 462 -6.87 -20.34 15.45
CA ALA A 462 -7.78 -20.14 16.59
C ALA A 462 -8.19 -21.50 17.18
N GLN A 463 -8.29 -22.53 16.33
CA GLN A 463 -8.76 -23.87 16.79
C GLN A 463 -7.56 -24.82 16.94
N ASP A 464 -6.34 -24.26 16.94
CA ASP A 464 -5.09 -25.05 17.06
C ASP A 464 -4.91 -26.09 15.94
N ASP A 465 -5.35 -25.76 14.73
CA ASP A 465 -5.12 -26.63 13.56
C ASP A 465 -3.61 -26.91 13.49
N PRO A 466 -3.20 -28.19 13.46
CA PRO A 466 -1.78 -28.49 13.48
C PRO A 466 -1.02 -27.96 12.26
N HIS A 467 -1.72 -27.57 11.19
CA HIS A 467 -1.06 -27.01 9.99
C HIS A 467 -0.96 -25.47 10.02
N ALA A 468 -1.63 -24.83 11.00
CA ALA A 468 -1.78 -23.37 10.97
C ALA A 468 -0.41 -22.68 10.95
N VAL A 469 0.49 -23.08 11.85
CA VAL A 469 1.79 -22.37 11.89
C VAL A 469 2.51 -22.46 10.53
N ASP A 470 2.51 -23.65 9.91
CA ASP A 470 3.20 -23.86 8.65
C ASP A 470 2.56 -23.11 7.49
N ARG A 471 1.23 -23.02 7.50
CA ARG A 471 0.55 -22.18 6.52
C ARG A 471 1.00 -20.74 6.59
N ILE A 472 1.08 -20.17 7.81
CA ILE A 472 1.57 -18.77 7.93
C ILE A 472 3.00 -18.62 7.35
N LYS A 473 3.89 -19.55 7.69
CA LYS A 473 5.27 -19.43 7.21
C LYS A 473 5.27 -19.54 5.69
N LEU A 474 4.44 -20.44 5.13
CA LEU A 474 4.41 -20.60 3.64
C LEU A 474 3.96 -19.29 2.91
N LEU A 475 2.83 -18.71 3.34
CA LEU A 475 2.33 -17.49 2.75
C LEU A 475 3.43 -16.41 2.84
N TYR A 476 3.98 -16.21 4.04
CA TYR A 476 5.00 -15.13 4.16
C TYR A 476 6.24 -15.43 3.34
N SER A 477 6.62 -16.73 3.22
CA SER A 477 7.78 -17.05 2.41
C SER A 477 7.66 -16.50 1.00
N ILE A 478 6.46 -16.58 0.46
CA ILE A 478 6.28 -16.18 -0.91
C ILE A 478 6.35 -14.63 -1.05
N ALA A 479 5.74 -13.91 -0.10
CA ALA A 479 5.83 -12.44 -0.09
C ALA A 479 7.28 -12.02 0.11
N LEU A 480 8.03 -12.81 0.91
CA LEU A 480 9.45 -12.49 1.27
C LEU A 480 10.38 -12.82 0.12
N SER A 481 9.97 -13.65 -0.83
CA SER A 481 10.99 -14.15 -1.77
C SER A 481 10.68 -13.96 -3.27
N THR A 482 9.47 -13.53 -3.61
CA THR A 482 9.12 -13.38 -5.02
C THR A 482 9.81 -12.21 -5.71
N GLY A 483 10.18 -11.19 -4.94
CA GLY A 483 10.85 -10.00 -5.54
C GLY A 483 9.89 -8.85 -5.34
N GLY A 484 10.36 -7.85 -4.61
CA GLY A 484 9.47 -6.72 -4.22
C GLY A 484 9.71 -6.52 -2.75
N LEU A 485 9.08 -5.50 -2.17
CA LEU A 485 9.33 -5.15 -0.80
C LEU A 485 8.21 -5.83 0.00
N PRO A 486 8.56 -6.78 0.88
CA PRO A 486 7.49 -7.48 1.62
C PRO A 486 7.03 -6.66 2.81
N LEU A 487 5.76 -6.79 3.15
CA LEU A 487 5.21 -5.97 4.20
C LEU A 487 4.51 -6.87 5.21
N ILE A 488 5.05 -6.95 6.44
CA ILE A 488 4.43 -7.78 7.51
C ILE A 488 3.36 -7.00 8.25
N TYR A 489 2.18 -7.60 8.43
CA TYR A 489 1.14 -6.96 9.23
C TYR A 489 1.51 -7.28 10.68
N LEU A 490 1.98 -6.27 11.41
CA LEU A 490 2.64 -6.57 12.68
C LEU A 490 1.58 -7.19 13.61
N GLY A 491 2.00 -8.21 14.36
CA GLY A 491 1.07 -9.06 15.09
C GLY A 491 1.01 -10.46 14.42
N ASP A 492 1.15 -10.53 13.11
CA ASP A 492 1.13 -11.83 12.40
C ASP A 492 2.32 -12.67 12.79
N GLU A 493 3.42 -12.00 13.12
CA GLU A 493 4.65 -12.71 13.40
C GLU A 493 4.67 -13.46 14.74
N VAL A 494 3.63 -13.29 15.56
CA VAL A 494 3.39 -14.14 16.74
C VAL A 494 2.04 -14.85 16.71
N GLY A 495 1.38 -14.87 15.57
CA GLY A 495 0.10 -15.59 15.51
C GLY A 495 -1.09 -14.92 16.11
N THR A 496 -1.11 -13.59 16.08
CA THR A 496 -2.23 -12.86 16.67
C THR A 496 -3.61 -13.21 16.10
N LEU A 497 -4.56 -13.49 16.99
CA LEU A 497 -5.91 -13.92 16.56
C LEU A 497 -6.85 -12.70 16.41
N ASN A 498 -8.10 -12.92 15.95
CA ASN A 498 -9.04 -11.84 15.85
C ASN A 498 -9.35 -11.18 17.18
N ASP A 499 -9.78 -9.91 17.10
CA ASP A 499 -10.38 -9.24 18.24
C ASP A 499 -11.86 -9.76 18.23
N ASP A 500 -12.30 -10.56 19.17
CA ASP A 500 -13.80 -10.67 19.36
C ASP A 500 -14.32 -9.71 20.50
N ASP A 501 -13.80 -8.49 20.59
CA ASP A 501 -14.55 -7.40 21.25
C ASP A 501 -15.28 -6.60 20.19
N TRP A 502 -14.79 -6.63 18.95
CA TRP A 502 -15.21 -5.63 17.94
C TRP A 502 -16.73 -5.60 17.71
N SER A 503 -17.37 -6.78 17.67
CA SER A 503 -18.78 -6.89 17.20
C SER A 503 -19.75 -6.19 18.11
N GLN A 504 -19.29 -5.84 19.30
CA GLN A 504 -20.22 -5.31 20.31
C GLN A 504 -19.94 -3.84 20.73
N ASP A 505 -18.81 -3.32 20.20
CA ASP A 505 -18.44 -1.93 20.33
C ASP A 505 -19.21 -1.18 19.25
N SER A 506 -20.17 -0.35 19.68
CA SER A 506 -21.08 0.32 18.74
C SER A 506 -20.40 1.32 17.73
N ASN A 507 -19.21 1.83 18.05
CA ASN A 507 -18.42 2.53 16.97
C ASN A 507 -17.76 1.60 15.93
N LYS A 508 -17.79 0.28 16.14
CA LYS A 508 -17.09 -0.70 15.23
C LYS A 508 -18.00 -1.77 14.68
N SER A 509 -19.20 -1.89 15.22
CA SER A 509 -19.92 -3.15 15.05
C SER A 509 -20.49 -3.29 13.63
N ASP A 510 -20.53 -2.20 12.89
CA ASP A 510 -21.01 -2.30 11.51
C ASP A 510 -19.77 -2.47 10.54
N ASP A 511 -18.57 -2.70 11.08
CA ASP A 511 -17.33 -2.73 10.27
C ASP A 511 -16.46 -3.89 10.71
N SER A 512 -16.64 -5.05 10.08
CA SER A 512 -16.00 -6.28 10.54
C SER A 512 -14.53 -6.26 10.32
N ARG A 513 -13.99 -5.25 9.62
CA ARG A 513 -12.53 -5.15 9.52
C ARG A 513 -11.91 -5.00 10.94
N TRP A 514 -12.64 -4.45 11.90
CA TRP A 514 -12.08 -4.42 13.26
C TRP A 514 -11.75 -5.81 13.83
N ALA A 515 -12.33 -6.88 13.28
CA ALA A 515 -11.96 -8.26 13.71
C ALA A 515 -10.47 -8.51 13.54
N HIS A 516 -9.87 -7.94 12.50
CA HIS A 516 -8.42 -8.24 12.27
C HIS A 516 -7.55 -7.03 12.60
N ARG A 517 -8.04 -6.21 13.55
CA ARG A 517 -7.23 -5.12 14.09
C ARG A 517 -7.07 -5.24 15.61
N PRO A 518 -6.49 -6.37 16.08
CA PRO A 518 -6.31 -6.57 17.50
C PRO A 518 -5.23 -5.67 18.05
N ARG A 519 -5.25 -5.53 19.37
CA ARG A 519 -4.17 -4.88 20.07
C ARG A 519 -2.96 -5.76 20.14
N TYR A 520 -1.84 -5.14 20.46
CA TYR A 520 -0.58 -5.89 20.75
C TYR A 520 -0.89 -6.93 21.85
N ASN A 521 -0.58 -8.21 21.60
CA ASN A 521 -0.86 -9.28 22.52
C ASN A 521 0.39 -9.56 23.30
N GLU A 522 0.44 -9.00 24.51
CA GLU A 522 1.61 -9.18 25.41
C GLU A 522 2.01 -10.62 25.64
N ALA A 523 1.02 -11.52 25.78
CA ALA A 523 1.25 -12.94 26.11
C ALA A 523 1.98 -13.61 24.94
N LEU A 524 1.55 -13.30 23.72
CA LEU A 524 2.18 -13.91 22.51
C LEU A 524 3.56 -13.35 22.24
N TYR A 525 3.70 -12.03 22.38
CA TYR A 525 5.03 -11.42 22.24
C TYR A 525 6.02 -11.98 23.24
N ALA A 526 5.53 -12.28 24.42
CA ALA A 526 6.36 -12.89 25.47
C ALA A 526 6.80 -14.32 25.13
N GLN A 527 6.09 -15.01 24.25
CA GLN A 527 6.44 -16.39 23.82
C GLN A 527 7.32 -16.47 22.60
N ARG A 528 7.72 -15.33 22.03
CA ARG A 528 8.36 -15.31 20.67
C ARG A 528 9.67 -16.05 20.60
N ASN A 529 10.38 -16.17 21.73
CA ASN A 529 11.62 -16.94 21.71
C ASN A 529 11.41 -18.38 22.21
N ASP A 530 10.18 -18.78 22.46
CA ASP A 530 9.96 -20.16 22.96
C ASP A 530 9.50 -21.09 21.80
N PRO A 531 10.39 -22.00 21.36
CA PRO A 531 10.15 -22.81 20.12
C PRO A 531 9.05 -23.83 20.31
N SER A 532 8.54 -23.98 21.53
CA SER A 532 7.44 -24.93 21.76
C SER A 532 6.09 -24.29 21.65
N THR A 533 6.04 -22.97 21.45
CA THR A 533 4.76 -22.30 21.32
C THR A 533 4.49 -21.93 19.85
N ALA A 534 3.22 -21.81 19.49
CA ALA A 534 2.91 -21.31 18.12
C ALA A 534 3.54 -19.93 17.86
N ALA A 535 3.51 -19.05 18.88
CA ALA A 535 4.08 -17.68 18.72
C ALA A 535 5.55 -17.79 18.38
N GLY A 536 6.25 -18.62 19.14
CA GLY A 536 7.68 -18.78 18.94
C GLY A 536 8.01 -19.46 17.62
N GLN A 537 7.18 -20.46 17.26
CA GLN A 537 7.43 -21.08 15.94
C GLN A 537 7.23 -20.14 14.76
N ILE A 538 6.15 -19.35 14.83
CA ILE A 538 5.89 -18.37 13.79
C ILE A 538 7.02 -17.33 13.76
N TYR A 539 7.34 -16.80 14.93
CA TYR A 539 8.28 -15.67 14.98
C TYR A 539 9.67 -16.15 14.53
N GLN A 540 10.14 -17.27 15.09
CA GLN A 540 11.48 -17.71 14.67
C GLN A 540 11.50 -18.13 13.22
N ASP A 541 10.41 -18.69 12.71
CA ASP A 541 10.51 -19.02 11.30
C ASP A 541 10.43 -17.86 10.31
N LEU A 542 9.55 -16.88 10.59
CA LEU A 542 9.59 -15.61 9.87
C LEU A 542 10.91 -14.86 10.01
N ARG A 543 11.41 -14.75 11.23
CA ARG A 543 12.67 -14.06 11.46
C ARG A 543 13.82 -14.71 10.70
N HIS A 544 13.83 -16.05 10.62
CA HIS A 544 14.83 -16.76 9.87
C HIS A 544 14.76 -16.41 8.35
N MET A 545 13.56 -16.44 7.78
CA MET A 545 13.39 -16.05 6.37
C MET A 545 13.77 -14.60 6.11
N ILE A 546 13.41 -13.72 7.03
CA ILE A 546 13.88 -12.32 6.91
C ILE A 546 15.44 -12.24 6.90
N ALA A 547 16.09 -12.93 7.84
CA ALA A 547 17.56 -12.96 7.90
C ALA A 547 18.15 -13.44 6.56
N VAL A 548 17.63 -14.54 6.05
CA VAL A 548 18.09 -15.11 4.76
C VAL A 548 17.86 -14.11 3.63
N ARG A 549 16.64 -13.57 3.53
CA ARG A 549 16.35 -12.66 2.42
C ARG A 549 17.34 -11.48 2.45
N GLN A 550 17.52 -10.92 3.61
CA GLN A 550 18.27 -9.68 3.77
C GLN A 550 19.76 -9.92 3.58
N SER A 551 20.25 -11.12 3.90
CA SER A 551 21.71 -11.35 3.81
C SER A 551 22.14 -11.92 2.47
N ASN A 552 21.22 -12.55 1.73
CA ASN A 552 21.55 -13.36 0.54
C ASN A 552 21.19 -12.59 -0.73
N PRO A 553 22.23 -12.19 -1.50
CA PRO A 553 21.91 -11.40 -2.70
C PRO A 553 21.14 -12.11 -3.83
N ARG A 554 20.95 -13.43 -3.74
CA ARG A 554 20.14 -14.14 -4.74
C ARG A 554 18.69 -13.70 -4.66
N PHE A 555 18.29 -13.04 -3.56
CA PHE A 555 16.91 -12.46 -3.45
C PHE A 555 16.73 -11.04 -4.04
N ASP A 556 17.82 -10.42 -4.48
CA ASP A 556 17.80 -9.01 -4.84
C ASP A 556 16.94 -8.74 -6.09
N GLY A 557 16.31 -7.58 -6.12
CA GLY A 557 15.58 -7.18 -7.32
C GLY A 557 14.15 -7.67 -7.29
N GLY A 558 13.41 -7.38 -8.38
CA GLY A 558 11.95 -7.66 -8.41
C GLY A 558 11.58 -8.78 -9.38
N ARG A 559 12.57 -9.32 -10.11
CA ARG A 559 12.20 -10.19 -11.25
C ARG A 559 12.18 -11.65 -10.83
N LEU A 560 11.30 -12.45 -11.43
CA LEU A 560 11.32 -13.92 -11.25
C LEU A 560 10.95 -14.62 -12.55
N VAL A 561 11.37 -15.89 -12.63
CA VAL A 561 10.93 -16.78 -13.68
C VAL A 561 10.21 -17.94 -12.96
N THR A 562 9.03 -18.33 -13.41
CA THR A 562 8.40 -19.50 -12.77
C THR A 562 9.03 -20.78 -13.30
N PHE A 563 8.86 -21.84 -12.50
CA PHE A 563 9.38 -23.15 -12.81
C PHE A 563 8.15 -24.09 -12.77
N ASN A 564 7.91 -24.86 -13.83
CA ASN A 564 6.73 -25.73 -13.86
C ASN A 564 7.06 -26.95 -13.01
N THR A 565 6.31 -27.17 -11.94
CA THR A 565 6.69 -28.23 -11.00
C THR A 565 6.10 -29.58 -11.45
N ASN A 566 5.15 -29.52 -12.39
CA ASN A 566 4.34 -30.71 -12.78
C ASN A 566 3.56 -31.34 -11.65
N ASN A 567 3.35 -30.58 -10.57
CA ASN A 567 2.49 -31.01 -9.46
C ASN A 567 1.55 -29.83 -9.17
N LYS A 568 0.25 -30.06 -9.33
CA LYS A 568 -0.72 -29.00 -9.27
C LYS A 568 -0.82 -28.30 -7.89
N HIS A 569 -0.18 -28.92 -6.89
CA HIS A 569 -0.18 -28.42 -5.51
C HIS A 569 1.05 -27.65 -5.12
N ILE A 570 2.06 -27.64 -6.00
CA ILE A 570 3.38 -27.05 -5.64
C ILE A 570 3.74 -25.90 -6.54
N ILE A 571 4.03 -24.76 -5.92
CA ILE A 571 4.44 -23.57 -6.68
C ILE A 571 5.94 -23.60 -6.77
N GLY A 572 6.48 -23.14 -7.91
CA GLY A 572 7.95 -23.06 -8.11
C GLY A 572 8.37 -21.81 -8.87
N TYR A 573 9.48 -21.19 -8.46
CA TYR A 573 9.96 -20.02 -9.21
C TYR A 573 11.44 -19.82 -8.90
N ILE A 574 12.12 -19.11 -9.76
CA ILE A 574 13.56 -18.91 -9.65
C ILE A 574 13.88 -17.43 -9.58
N ARG A 575 14.72 -17.06 -8.60
CA ARG A 575 15.23 -15.67 -8.52
C ARG A 575 16.68 -15.65 -8.98
N ASN A 576 16.99 -14.72 -9.87
CA ASN A 576 18.37 -14.42 -10.26
C ASN A 576 19.09 -15.67 -10.78
N ASN A 577 18.33 -16.56 -11.45
CA ASN A 577 18.88 -17.82 -11.91
C ASN A 577 19.69 -18.59 -10.88
N ALA A 578 19.39 -18.41 -9.58
CA ALA A 578 20.31 -18.88 -8.54
C ALA A 578 19.56 -19.41 -7.30
N LEU A 579 18.26 -19.09 -7.18
CA LEU A 579 17.54 -19.52 -5.97
C LEU A 579 16.22 -20.13 -6.43
N LEU A 580 16.00 -21.41 -6.14
CA LEU A 580 14.79 -22.09 -6.65
C LEU A 580 13.88 -22.32 -5.43
N ALA A 581 12.68 -21.70 -5.45
CA ALA A 581 11.78 -21.78 -4.31
C ALA A 581 10.67 -22.74 -4.68
N PHE A 582 10.33 -23.67 -3.76
CA PHE A 582 9.16 -24.53 -3.97
C PHE A 582 8.28 -24.33 -2.73
N GLY A 583 6.96 -24.35 -2.89
CA GLY A 583 6.03 -24.23 -1.75
C GLY A 583 4.90 -25.21 -2.02
N ASN A 584 4.68 -26.08 -1.04
CA ASN A 584 3.63 -27.08 -1.15
C ASN A 584 2.35 -26.54 -0.54
N PHE A 585 1.31 -26.35 -1.35
CA PHE A 585 0.03 -25.81 -0.81
C PHE A 585 -0.98 -26.90 -0.44
N SER A 586 -0.50 -28.14 -0.37
CA SER A 586 -1.28 -29.30 0.04
C SER A 586 -1.05 -29.62 1.49
N GLU A 587 -2.11 -30.11 2.18
CA GLU A 587 -1.91 -30.59 3.57
C GLU A 587 -1.38 -32.02 3.59
N TYR A 588 -1.06 -32.58 2.41
CA TYR A 588 -0.42 -33.91 2.30
C TYR A 588 0.95 -33.75 1.63
N PRO A 589 1.85 -34.73 1.83
CA PRO A 589 3.12 -34.69 1.11
C PRO A 589 2.91 -34.64 -0.37
N GLN A 590 3.80 -33.94 -1.10
CA GLN A 590 3.64 -33.79 -2.54
C GLN A 590 5.04 -33.84 -3.13
N THR A 591 5.12 -34.42 -4.31
CA THR A 591 6.41 -34.70 -4.94
C THR A 591 6.67 -33.89 -6.17
N VAL A 592 7.91 -33.38 -6.29
CA VAL A 592 8.44 -32.95 -7.57
C VAL A 592 9.37 -34.06 -8.08
N THR A 593 9.06 -34.64 -9.24
CA THR A 593 9.85 -35.77 -9.76
C THR A 593 11.29 -35.47 -10.16
N ALA A 594 12.12 -36.51 -10.02
CA ALA A 594 13.46 -36.48 -10.56
C ALA A 594 13.42 -36.04 -12.03
N HIS A 595 12.39 -36.45 -12.79
CA HIS A 595 12.34 -36.09 -14.19
C HIS A 595 12.15 -34.57 -14.38
N THR A 596 11.24 -33.95 -13.59
CA THR A 596 11.05 -32.48 -13.60
C THR A 596 12.34 -31.75 -13.22
N LEU A 597 13.17 -32.37 -12.40
CA LEU A 597 14.38 -31.67 -11.88
C LEU A 597 15.68 -31.89 -12.66
N GLN A 598 15.59 -32.55 -13.82
CA GLN A 598 16.78 -32.97 -14.56
C GLN A 598 17.78 -31.85 -14.86
N ALA A 599 17.33 -30.62 -15.04
CA ALA A 599 18.27 -29.56 -15.37
C ALA A 599 18.98 -28.96 -14.17
N MET A 600 18.60 -29.39 -12.96
CA MET A 600 19.11 -28.78 -11.74
C MET A 600 20.40 -29.52 -11.30
N PRO A 601 21.24 -28.85 -10.49
CA PRO A 601 22.39 -29.57 -9.94
C PRO A 601 21.94 -30.77 -9.10
N PHE A 602 22.77 -31.79 -9.01
CA PHE A 602 22.45 -32.98 -8.20
C PHE A 602 22.07 -32.72 -6.78
N LYS A 603 22.73 -31.72 -6.18
CA LYS A 603 22.48 -31.36 -4.78
C LYS A 603 22.31 -29.86 -4.65
N ALA A 604 21.48 -29.44 -3.71
CA ALA A 604 21.40 -28.01 -3.44
C ALA A 604 21.09 -27.80 -2.00
N HIS A 605 21.68 -26.76 -1.40
CA HIS A 605 21.41 -26.39 -0.06
C HIS A 605 20.01 -25.72 0.10
N ASP A 606 19.17 -26.20 1.01
CA ASP A 606 17.90 -25.56 1.30
C ASP A 606 18.10 -24.55 2.43
N LEU A 607 18.01 -23.26 2.11
CA LEU A 607 18.17 -22.20 3.12
C LEU A 607 17.07 -22.20 4.19
N ILE A 608 15.89 -22.76 3.89
CA ILE A 608 14.84 -22.85 4.94
C ILE A 608 15.23 -23.82 6.06
N GLY A 609 15.41 -25.09 5.70
CA GLY A 609 15.64 -26.15 6.69
C GLY A 609 17.11 -26.38 6.98
N GLY A 610 18.01 -25.86 6.14
CA GLY A 610 19.48 -25.90 6.41
C GLY A 610 20.14 -27.22 5.97
N LYS A 611 19.40 -28.05 5.26
CA LYS A 611 19.89 -29.34 4.85
C LYS A 611 20.27 -29.33 3.38
N THR A 612 21.19 -30.20 2.98
CA THR A 612 21.46 -30.42 1.54
C THR A 612 20.37 -31.32 0.96
N VAL A 613 19.84 -30.96 -0.20
CA VAL A 613 18.69 -31.67 -0.76
C VAL A 613 19.17 -32.33 -2.06
N SER A 614 18.80 -33.60 -2.30
CA SER A 614 19.18 -34.25 -3.56
C SER A 614 18.17 -33.97 -4.65
N LEU A 615 18.64 -33.48 -5.81
CA LEU A 615 17.67 -33.10 -6.88
C LEU A 615 17.72 -34.07 -8.04
N ASN A 616 18.56 -35.10 -7.89
CA ASN A 616 18.64 -36.12 -8.96
C ASN A 616 17.77 -37.34 -8.63
N GLN A 617 16.84 -37.16 -7.71
CA GLN A 617 15.80 -38.16 -7.41
C GLN A 617 14.52 -37.38 -7.07
N ASP A 618 13.41 -38.09 -6.89
CA ASP A 618 12.17 -37.44 -6.47
C ASP A 618 12.38 -36.63 -5.18
N LEU A 619 11.82 -35.42 -5.19
CA LEU A 619 11.82 -34.51 -4.04
C LEU A 619 10.40 -34.51 -3.41
N THR A 620 10.29 -35.05 -2.19
CA THR A 620 8.99 -35.00 -1.51
C THR A 620 8.99 -33.89 -0.45
N LEU A 621 8.05 -32.97 -0.60
CA LEU A 621 7.80 -31.94 0.35
C LEU A 621 6.72 -32.37 1.34
N GLN A 622 6.97 -32.07 2.63
CA GLN A 622 5.99 -32.23 3.70
C GLN A 622 4.83 -31.27 3.48
N PRO A 623 3.67 -31.57 4.10
CA PRO A 623 2.56 -30.64 4.04
C PRO A 623 3.05 -29.17 4.29
N TYR A 624 2.72 -28.27 3.38
CA TYR A 624 3.01 -26.83 3.53
C TYR A 624 4.50 -26.49 3.66
N GLN A 625 5.37 -27.43 3.30
CA GLN A 625 6.80 -27.17 3.30
C GLN A 625 7.23 -26.13 2.24
N VAL A 626 8.14 -25.23 2.63
CA VAL A 626 8.83 -24.33 1.71
C VAL A 626 10.30 -24.75 1.65
N MET A 627 10.87 -24.76 0.45
CA MET A 627 12.32 -24.88 0.27
C MET A 627 12.84 -23.72 -0.53
N TRP A 628 13.99 -23.19 -0.13
CA TRP A 628 14.65 -22.15 -0.90
C TRP A 628 16.03 -22.72 -1.28
N LEU A 629 16.13 -23.25 -2.50
CA LEU A 629 17.30 -24.06 -2.87
C LEU A 629 18.36 -23.23 -3.61
N GLU A 630 19.59 -23.21 -3.12
CA GLU A 630 20.61 -22.47 -3.81
C GLU A 630 21.12 -23.32 -4.97
N ILE A 631 20.74 -22.94 -6.19
CA ILE A 631 21.14 -23.68 -7.38
C ILE A 631 22.29 -23.00 -8.15
N ALA A 632 22.67 -21.80 -7.72
CA ALA A 632 23.89 -21.18 -8.20
C ALA A 632 24.44 -20.22 -7.16
#